data_2VPS
#
_entry.id   2VPS
#
_cell.length_a   71.050
_cell.length_b   85.600
_cell.length_c   168.340
_cell.angle_alpha   90.00
_cell.angle_beta   90.00
_cell.angle_gamma   90.00
#
_symmetry.space_group_name_H-M   'P 21 21 21'
#
loop_
_entity.id
_entity.type
_entity.pdbx_description
1 polymer 'TRYPANOTHIONE SYNTHETASE'
2 non-polymer 'CHLORIDE ION'
3 non-polymer 'BROMIDE ION'
4 water water
#
_entity_poly.entity_id   1
_entity_poly.type   'polypeptide(L)'
_entity_poly.pdbx_seq_one_letter_code
;MSSLQRASVSFNKPGHIPFGAVQGYAPGGVPAYSNKHDHYFSGERNIEDNIFFGFKYQCVEFARRWLLVRKGLLLPDVNW
ACHIFQLKEVRDAATTESFAVLQVRNGTTTKPEADALLVYPSTDANPVGHVGTITEVGDDYVCVADQNYRFHKWESSCAY
KLKLDHRDGIWTIIDDIDADEIEIPLGWLTFPGRANRPEGAPPVALHPSLHFKEPPKPYLLRRNFLPTESKANWLDMNNP
AERLFVEEFGMDVSRTRLEEKVVSYYESNHEFHLRCVAYGTQLHAIFMEATAQVIESDEKLRLFAIPEEFWPRIRHSWKY
QQTYISGRFDFAFNNETGEVKCFEYNADSASTLLECGLIQQKWAESVGLDKQDTRGSGFAVERNLKMAWANSGATGRVHF
CVDEEREEQYTALYCMQAAEAVGLEGKLCILFDEFRFDDNGHVVDSDGVRVRNVWKTWMWESAITDYYAAREERGENWKP
SPKDKVRLCDLLLGDDWEILYFEPMWKVIPSNKAILPMIYHNHPEHPAILKAEYELTDELRKHGYAKKPIVGRVGSNVII
TSGDGVVHAESGGKYGKRNMIYQQLFELKKQDDYYAIIGGWMIGDAFSGTGIREDKSVITGVDSPFAAVRIKTDKLPHPV
TLKDIDKMAEDE
;
_entity_poly.pdbx_strand_id   A
#
loop_
_chem_comp.id
_chem_comp.type
_chem_comp.name
_chem_comp.formula
BR non-polymer 'BROMIDE ION' 'Br -1'
CL non-polymer 'CHLORIDE ION' 'Cl -1'
#
# COMPACT_ATOMS: atom_id res chain seq x y z
N SER A 2 23.59 20.63 3.24
CA SER A 2 22.59 21.76 3.05
C SER A 2 22.01 21.79 1.58
N SER A 3 22.26 22.82 0.74
CA SER A 3 22.14 22.73 -0.79
C SER A 3 20.81 22.57 -1.57
N LEU A 4 19.81 22.12 -0.86
CA LEU A 4 18.66 21.60 -1.45
C LEU A 4 17.59 22.47 -0.84
N GLN A 5 17.05 23.41 -1.64
CA GLN A 5 16.18 24.49 -1.15
C GLN A 5 14.79 24.01 -0.73
N ARG A 6 14.14 23.27 -1.62
CA ARG A 6 12.92 22.57 -1.25
C ARG A 6 13.35 21.30 -0.52
N ALA A 7 12.63 20.96 0.57
CA ALA A 7 12.90 19.76 1.38
C ALA A 7 12.91 18.50 0.54
N SER A 8 13.87 17.62 0.83
CA SER A 8 13.75 16.24 0.38
C SER A 8 12.50 15.69 1.03
N VAL A 9 11.83 14.79 0.34
CA VAL A 9 10.62 14.15 0.82
C VAL A 9 10.82 12.64 0.80
N SER A 10 10.19 11.92 1.73
CA SER A 10 10.16 10.45 1.70
C SER A 10 8.92 9.94 2.41
N PHE A 11 8.57 8.67 2.21
CA PHE A 11 7.48 8.10 2.99
C PHE A 11 7.87 7.76 4.43
N ASN A 12 9.17 7.77 4.74
CA ASN A 12 9.68 7.61 6.12
C ASN A 12 9.56 8.92 6.84
N LYS A 13 8.46 9.09 7.56
CA LYS A 13 8.17 10.38 8.15
C LYS A 13 9.04 10.62 9.39
N PRO A 14 9.34 11.89 9.67
CA PRO A 14 10.15 12.16 10.84
C PRO A 14 9.35 11.80 12.11
N GLY A 15 10.04 11.14 13.03
CA GLY A 15 9.43 10.71 14.30
C GLY A 15 9.37 9.18 14.29
N HIS A 16 8.80 8.66 13.19
CA HIS A 16 8.48 7.24 13.01
C HIS A 16 9.74 6.37 12.93
N ILE A 17 9.71 5.15 13.48
CA ILE A 17 10.83 4.19 13.36
C ILE A 17 10.46 3.04 12.40
N PRO A 18 11.46 2.35 11.84
CA PRO A 18 11.19 1.31 10.83
C PRO A 18 10.20 0.24 11.26
N PHE A 19 9.42 -0.24 10.29
CA PHE A 19 8.53 -1.39 10.52
C PHE A 19 9.28 -2.48 11.28
N GLY A 20 8.73 -2.97 12.37
CA GLY A 20 9.35 -4.07 13.11
C GLY A 20 10.43 -3.69 14.13
N ALA A 21 10.81 -2.43 14.16
CA ALA A 21 11.71 -2.00 15.23
C ALA A 21 10.90 -1.98 16.55
N VAL A 22 11.54 -2.32 17.65
CA VAL A 22 10.91 -2.27 18.95
C VAL A 22 10.72 -0.81 19.38
N GLN A 23 9.49 -0.37 19.61
CA GLN A 23 9.28 1.00 20.10
C GLN A 23 9.53 1.11 21.60
N GLY A 24 9.11 0.07 22.34
CA GLY A 24 9.31 -0.01 23.79
C GLY A 24 8.55 -1.18 24.37
N TYR A 25 8.62 -1.33 25.68
CA TYR A 25 8.06 -2.48 26.40
C TYR A 25 6.95 -2.05 27.41
N ALA A 26 5.82 -2.75 27.38
CA ALA A 26 4.84 -2.57 28.44
C ALA A 26 5.32 -3.32 29.65
N PRO A 27 4.94 -2.85 30.84
CA PRO A 27 5.30 -3.54 32.09
C PRO A 27 5.05 -5.04 31.97
N GLY A 28 6.02 -5.86 32.34
CA GLY A 28 5.97 -7.29 32.07
C GLY A 28 6.84 -7.70 30.88
N GLY A 29 7.46 -6.74 30.22
CA GLY A 29 8.40 -7.04 29.14
C GLY A 29 7.73 -7.39 27.83
N VAL A 30 6.59 -6.77 27.56
CA VAL A 30 5.82 -7.00 26.33
C VAL A 30 6.17 -5.92 25.33
N PRO A 31 6.89 -6.27 24.27
CA PRO A 31 7.39 -5.26 23.36
C PRO A 31 6.31 -4.80 22.38
N ALA A 32 6.35 -3.52 22.00
CA ALA A 32 5.46 -2.98 20.97
C ALA A 32 6.32 -2.73 19.73
N TYR A 33 5.93 -3.30 18.59
CA TYR A 33 6.65 -3.06 17.32
C TYR A 33 5.98 -1.97 16.46
N SER A 34 6.80 -1.28 15.70
CA SER A 34 6.35 -0.27 14.75
C SER A 34 5.64 -0.90 13.55
N ASN A 35 4.45 -0.38 13.23
CA ASN A 35 3.75 -0.72 12.02
C ASN A 35 3.97 0.32 10.90
N LYS A 36 5.15 0.98 10.93
CA LYS A 36 5.60 1.95 9.94
C LYS A 36 4.82 3.23 10.01
N HIS A 37 3.51 3.18 9.79
CA HIS A 37 2.66 4.37 9.86
C HIS A 37 1.19 3.96 9.86
N ASP A 38 0.27 4.91 10.06
CA ASP A 38 -1.17 4.59 10.07
C ASP A 38 -1.55 3.80 8.83
N HIS A 39 -2.47 2.88 9.00
CA HIS A 39 -3.10 2.22 7.86
C HIS A 39 -2.13 1.43 6.97
N TYR A 40 -0.92 1.18 7.44
CA TYR A 40 -0.01 0.34 6.73
C TYR A 40 -0.45 -1.09 6.98
N PHE A 41 -0.37 -1.94 5.97
CA PHE A 41 -0.73 -3.34 6.16
C PHE A 41 0.27 -4.27 5.47
N SER A 42 0.98 -5.05 6.27
CA SER A 42 2.07 -5.91 5.77
C SER A 42 1.64 -7.16 5.06
N GLY A 43 0.45 -7.64 5.42
CA GLY A 43 -0.06 -8.93 5.00
C GLY A 43 0.59 -10.12 5.69
N GLU A 44 1.48 -9.87 6.65
CA GLU A 44 2.29 -10.93 7.25
C GLU A 44 1.82 -11.28 8.64
N ARG A 45 1.68 -12.56 8.93
CA ARG A 45 1.24 -13.02 10.26
C ARG A 45 2.37 -13.16 11.26
N ASN A 46 2.05 -12.88 12.53
CA ASN A 46 2.96 -13.16 13.64
C ASN A 46 2.59 -14.48 14.29
N ILE A 47 3.38 -15.50 14.00
CA ILE A 47 3.22 -16.82 14.59
C ILE A 47 4.54 -17.29 15.19
N GLU A 48 4.54 -17.52 16.51
CA GLU A 48 5.58 -18.30 17.24
C GLU A 48 4.97 -19.63 17.75
N ASP A 49 5.61 -20.76 17.46
CA ASP A 49 5.18 -22.06 18.04
C ASP A 49 3.69 -22.35 17.79
N ASN A 50 3.26 -22.13 16.54
CA ASN A 50 1.85 -22.18 16.11
C ASN A 50 0.88 -21.28 16.86
N ILE A 51 1.34 -20.28 17.60
CA ILE A 51 0.39 -19.35 18.18
C ILE A 51 0.30 -18.10 17.30
N PHE A 52 -0.87 -17.94 16.67
CA PHE A 52 -1.14 -16.81 15.82
C PHE A 52 -1.50 -15.65 16.72
N PHE A 53 -0.65 -14.62 16.71
CA PHE A 53 -0.84 -13.49 17.59
C PHE A 53 -1.64 -12.39 16.92
N GLY A 54 -1.53 -12.30 15.60
CA GLY A 54 -2.04 -11.15 14.89
C GLY A 54 -1.15 -10.79 13.72
N PHE A 55 -1.51 -9.71 13.04
CA PHE A 55 -0.73 -9.36 11.87
C PHE A 55 0.42 -8.48 12.27
N LYS A 56 1.56 -8.67 11.58
CA LYS A 56 2.71 -7.76 11.80
C LYS A 56 2.26 -6.35 11.44
N TYR A 57 2.74 -5.43 12.25
CA TYR A 57 2.21 -5.13 13.60
C TYR A 57 1.00 -4.27 13.90
N GLN A 58 -0.17 -4.89 13.93
CA GLN A 58 -1.40 -4.16 14.18
C GLN A 58 -1.78 -4.11 15.64
N CYS A 59 -2.79 -3.31 15.95
CA CYS A 59 -3.13 -3.01 17.32
C CYS A 59 -3.66 -4.22 18.06
N VAL A 60 -4.41 -5.08 17.38
CA VAL A 60 -4.98 -6.26 18.02
C VAL A 60 -3.88 -7.25 18.31
N GLU A 61 -2.92 -7.32 17.41
CA GLU A 61 -1.75 -8.20 17.58
C GLU A 61 -1.08 -7.90 18.91
N PHE A 62 -0.95 -6.62 19.25
CA PHE A 62 -0.40 -6.28 20.57
C PHE A 62 -1.35 -6.70 21.69
N ALA A 63 -2.61 -6.32 21.60
CA ALA A 63 -3.61 -6.71 22.60
C ALA A 63 -3.43 -8.16 22.95
N ARG A 64 -3.37 -8.99 21.92
CA ARG A 64 -3.43 -10.44 22.11
C ARG A 64 -2.13 -10.96 22.71
N ARG A 65 -1.02 -10.49 22.17
CA ARG A 65 0.29 -10.87 22.68
C ARG A 65 0.39 -10.43 24.15
N TRP A 66 -0.05 -9.20 24.40
CA TRP A 66 0.04 -8.62 25.71
C TRP A 66 -0.78 -9.42 26.69
N LEU A 67 -2.00 -9.80 26.32
CA LEU A 67 -2.87 -10.56 27.24
C LEU A 67 -2.27 -11.93 27.62
N LEU A 68 -1.64 -12.63 26.68
CA LEU A 68 -0.95 -13.88 27.01
C LEU A 68 0.13 -13.68 28.04
N VAL A 69 1.04 -12.76 27.77
CA VAL A 69 2.25 -12.64 28.58
C VAL A 69 1.87 -12.12 29.95
N ARG A 70 0.96 -11.15 29.96
CA ARG A 70 0.60 -10.43 31.17
C ARG A 70 -0.39 -11.13 32.09
N LYS A 71 -1.33 -11.89 31.51
CA LYS A 71 -2.39 -12.53 32.28
C LYS A 71 -2.59 -14.04 31.98
N GLY A 72 -1.92 -14.58 30.97
CA GLY A 72 -2.10 -15.99 30.63
C GLY A 72 -3.41 -16.35 29.96
N LEU A 73 -3.99 -15.39 29.22
CA LEU A 73 -5.34 -15.53 28.66
C LEU A 73 -5.31 -15.19 27.18
N LEU A 74 -5.95 -16.03 26.37
CA LEU A 74 -5.89 -15.93 24.91
C LEU A 74 -7.08 -15.15 24.43
N LEU A 75 -6.84 -14.02 23.79
CA LEU A 75 -7.92 -13.23 23.21
C LEU A 75 -8.38 -13.94 21.93
N PRO A 76 -9.69 -14.19 21.78
CA PRO A 76 -10.24 -14.89 20.63
C PRO A 76 -10.13 -14.09 19.35
N ASP A 77 -10.28 -14.75 18.19
CA ASP A 77 -10.32 -14.07 16.88
C ASP A 77 -11.38 -12.96 16.82
N VAL A 78 -10.97 -11.84 16.28
CA VAL A 78 -11.84 -10.69 16.21
C VAL A 78 -11.39 -10.02 14.93
N ASN A 79 -12.34 -9.68 14.10
CA ASN A 79 -12.03 -9.05 12.82
C ASN A 79 -11.65 -7.57 12.97
N TRP A 80 -12.46 -6.81 13.71
CA TRP A 80 -12.20 -5.38 13.91
C TRP A 80 -11.86 -5.09 15.35
N ALA A 81 -10.82 -4.31 15.61
CA ALA A 81 -10.43 -3.99 17.00
C ALA A 81 -11.62 -3.71 17.91
N CYS A 82 -12.54 -2.86 17.45
CA CYS A 82 -13.58 -2.31 18.33
C CYS A 82 -14.50 -3.37 18.82
N HIS A 83 -14.53 -4.51 18.13
CA HIS A 83 -15.43 -5.60 18.51
C HIS A 83 -15.02 -6.26 19.79
N ILE A 84 -13.76 -6.04 20.18
CA ILE A 84 -13.26 -6.45 21.47
C ILE A 84 -14.17 -6.03 22.63
N PHE A 85 -14.76 -4.85 22.58
CA PHE A 85 -15.64 -4.42 23.68
C PHE A 85 -16.91 -5.28 23.85
N GLN A 86 -17.31 -5.95 22.77
CA GLN A 86 -18.45 -6.85 22.80
C GLN A 86 -18.07 -8.28 23.21
N LEU A 87 -16.81 -8.53 23.59
CA LEU A 87 -16.41 -9.84 24.14
C LEU A 87 -16.97 -10.03 25.54
N LYS A 88 -17.52 -11.22 25.76
CA LYS A 88 -18.00 -11.59 27.09
C LYS A 88 -16.99 -12.50 27.78
N GLU A 89 -16.24 -13.26 26.99
CA GLU A 89 -15.25 -14.14 27.57
C GLU A 89 -13.99 -14.34 26.71
N VAL A 90 -12.85 -14.52 27.37
CA VAL A 90 -11.61 -14.89 26.69
C VAL A 90 -11.33 -16.35 27.05
N ARG A 91 -10.13 -16.85 26.76
CA ARG A 91 -9.79 -18.24 27.09
C ARG A 91 -8.45 -18.39 27.83
N ASP A 92 -8.32 -19.48 28.59
CA ASP A 92 -7.14 -19.72 29.41
C ASP A 92 -6.10 -20.49 28.63
N ALA A 93 -4.88 -19.93 28.59
CA ALA A 93 -3.77 -20.50 27.84
C ALA A 93 -3.57 -22.03 28.07
N ALA A 94 -3.80 -22.47 29.30
CA ALA A 94 -3.53 -23.84 29.69
C ALA A 94 -4.77 -24.75 29.58
N THR A 95 -5.87 -24.33 30.18
CA THR A 95 -7.02 -25.23 30.32
C THR A 95 -7.99 -25.13 29.14
N THR A 96 -7.86 -24.09 28.32
CA THR A 96 -8.85 -23.69 27.31
C THR A 96 -10.23 -23.30 27.88
N GLU A 97 -10.46 -23.51 29.19
CA GLU A 97 -11.75 -23.15 29.79
C GLU A 97 -11.96 -21.65 29.59
N SER A 98 -13.15 -21.28 29.16
CA SER A 98 -13.49 -19.88 28.96
C SER A 98 -13.43 -19.12 30.27
N PHE A 99 -13.24 -17.81 30.17
CA PHE A 99 -12.96 -16.97 31.32
C PHE A 99 -13.66 -15.62 31.14
N ALA A 100 -14.39 -15.18 32.15
CA ALA A 100 -15.28 -14.03 32.05
C ALA A 100 -14.52 -12.71 32.13
N VAL A 101 -14.52 -11.94 31.06
CA VAL A 101 -14.08 -10.54 31.12
C VAL A 101 -15.22 -9.78 31.74
N LEU A 102 -14.93 -8.58 32.26
CA LEU A 102 -15.97 -7.60 32.64
C LEU A 102 -15.85 -6.36 31.73
N GLN A 103 -16.93 -6.02 31.05
CA GLN A 103 -17.01 -4.80 30.25
C GLN A 103 -17.29 -3.60 31.16
N VAL A 104 -16.43 -2.58 31.08
CA VAL A 104 -16.55 -1.38 31.92
C VAL A 104 -16.63 -0.16 31.01
N ARG A 105 -17.78 0.50 30.95
CA ARG A 105 -17.99 1.55 29.96
C ARG A 105 -17.32 2.86 30.36
N ASN A 106 -16.82 3.57 29.35
CA ASN A 106 -16.26 4.89 29.56
C ASN A 106 -17.38 5.89 29.88
N GLY A 107 -17.11 6.84 30.77
CA GLY A 107 -18.10 7.87 31.11
C GLY A 107 -19.14 7.45 32.13
N THR A 108 -18.78 6.50 32.99
CA THR A 108 -19.66 6.08 34.06
C THR A 108 -19.02 6.54 35.35
N THR A 109 -19.48 6.01 36.48
CA THR A 109 -18.87 6.34 37.78
C THR A 109 -17.72 5.41 38.15
N THR A 110 -17.29 4.52 37.24
CA THR A 110 -16.14 3.64 37.52
C THR A 110 -14.84 4.25 36.99
N LYS A 111 -13.88 4.45 37.90
CA LYS A 111 -12.53 4.90 37.50
C LYS A 111 -11.90 3.73 36.76
N PRO A 112 -11.11 4.02 35.71
CA PRO A 112 -10.39 2.95 35.05
C PRO A 112 -9.23 2.48 35.91
N GLU A 113 -8.69 1.33 35.54
CA GLU A 113 -7.58 0.70 36.25
C GLU A 113 -6.61 0.07 35.25
N ALA A 114 -5.35 -0.05 35.66
CA ALA A 114 -4.32 -0.76 34.86
C ALA A 114 -4.66 -2.21 34.52
N ASP A 115 -3.96 -2.70 33.51
CA ASP A 115 -4.09 -4.07 33.00
C ASP A 115 -5.48 -4.37 32.46
N ALA A 116 -6.02 -3.38 31.73
CA ALA A 116 -7.28 -3.49 31.01
C ALA A 116 -7.06 -3.15 29.54
N LEU A 117 -7.88 -3.73 28.66
CA LEU A 117 -7.86 -3.39 27.23
C LEU A 117 -8.83 -2.26 26.88
N LEU A 118 -8.27 -1.06 26.69
CA LEU A 118 -9.04 0.11 26.27
C LEU A 118 -9.43 -0.10 24.84
N VAL A 119 -10.65 0.28 24.48
CA VAL A 119 -11.19 0.00 23.15
C VAL A 119 -11.88 1.23 22.60
N TYR A 120 -11.41 1.72 21.48
CA TYR A 120 -12.00 2.86 20.84
C TYR A 120 -13.13 2.40 19.90
N PRO A 121 -14.23 3.18 19.76
CA PRO A 121 -15.31 2.78 18.87
C PRO A 121 -15.03 2.98 17.38
N SER A 122 -15.92 2.38 16.61
CA SER A 122 -15.92 2.53 15.18
C SER A 122 -16.50 3.90 14.81
N THR A 123 -15.88 4.56 13.87
CA THR A 123 -16.37 5.85 13.44
C THR A 123 -16.32 5.91 11.92
N ASP A 124 -17.22 6.74 11.35
CA ASP A 124 -17.13 7.15 9.94
C ASP A 124 -15.69 7.55 9.53
N ALA A 125 -14.89 8.05 10.47
CA ALA A 125 -13.52 8.54 10.20
C ALA A 125 -12.41 7.54 10.58
N ASN A 126 -12.77 6.54 11.40
CA ASN A 126 -11.86 5.43 11.75
C ASN A 126 -12.67 4.13 11.91
N PRO A 127 -12.81 3.36 10.82
CA PRO A 127 -13.91 2.40 10.77
C PRO A 127 -13.72 1.15 11.61
N VAL A 128 -12.49 0.65 11.78
CA VAL A 128 -12.27 -0.55 12.62
C VAL A 128 -12.13 -0.24 14.11
N GLY A 129 -11.86 1.01 14.46
CA GLY A 129 -11.66 1.37 15.85
C GLY A 129 -10.24 1.06 16.25
N HIS A 130 -10.01 0.79 17.54
CA HIS A 130 -8.66 0.62 18.07
C HIS A 130 -8.65 -0.07 19.47
N VAL A 131 -7.54 -0.70 19.83
CA VAL A 131 -7.40 -1.31 21.14
C VAL A 131 -6.01 -1.01 21.69
N GLY A 132 -5.96 -0.56 22.93
CA GLY A 132 -4.70 -0.43 23.65
C GLY A 132 -4.82 -1.12 25.00
N THR A 133 -3.69 -1.17 25.70
CA THR A 133 -3.64 -1.60 27.08
C THR A 133 -3.45 -0.37 27.93
N ILE A 134 -4.18 -0.28 29.03
CA ILE A 134 -3.92 0.78 30.02
C ILE A 134 -2.90 0.23 30.98
N THR A 135 -1.74 0.86 31.04
CA THR A 135 -0.64 0.40 31.89
C THR A 135 -0.56 1.16 33.22
N GLU A 136 -1.23 2.30 33.31
CA GLU A 136 -1.26 3.05 34.53
C GLU A 136 -2.46 4.01 34.49
N VAL A 137 -2.98 4.35 35.67
CA VAL A 137 -4.12 5.25 35.83
C VAL A 137 -3.75 6.25 36.93
N GLY A 138 -3.52 7.50 36.52
CA GLY A 138 -3.23 8.59 37.47
C GLY A 138 -4.46 9.25 38.06
N ASP A 139 -4.28 10.39 38.73
CA ASP A 139 -5.43 11.21 39.14
C ASP A 139 -6.15 11.75 37.89
N ASP A 140 -5.39 12.17 36.88
CA ASP A 140 -5.97 12.92 35.75
C ASP A 140 -5.47 12.47 34.38
N TYR A 141 -5.00 11.23 34.28
CA TYR A 141 -4.55 10.65 33.01
C TYR A 141 -4.57 9.14 33.09
N VAL A 142 -4.47 8.49 31.93
CA VAL A 142 -4.11 7.07 31.84
C VAL A 142 -2.94 6.96 30.86
N CYS A 143 -2.07 5.97 31.06
CA CYS A 143 -1.03 5.65 30.08
C CYS A 143 -1.51 4.53 29.20
N VAL A 144 -1.15 4.54 27.91
CA VAL A 144 -1.59 3.48 27.01
C VAL A 144 -0.39 2.83 26.31
N ALA A 145 -0.37 1.49 26.30
CA ALA A 145 0.57 0.73 25.46
C ALA A 145 -0.20 0.05 24.32
N ASP A 146 0.26 0.30 23.08
CA ASP A 146 -0.34 -0.28 21.89
C ASP A 146 0.59 -0.24 20.67
N GLN A 147 0.07 -0.77 19.57
CA GLN A 147 0.73 -0.72 18.27
C GLN A 147 -0.18 -0.05 17.27
N ASN A 148 0.42 0.60 16.28
CA ASN A 148 -0.33 1.19 15.15
C ASN A 148 -1.20 2.43 15.48
N TYR A 149 -0.83 3.22 16.48
CA TYR A 149 -1.44 4.54 16.70
C TYR A 149 -0.35 5.62 16.69
N ARG A 150 0.77 5.38 17.36
CA ARG A 150 1.91 6.29 17.31
C ARG A 150 3.16 5.46 17.00
N PHE A 151 4.21 6.06 16.43
CA PHE A 151 5.33 5.30 15.83
C PHE A 151 6.73 5.65 16.31
N HIS A 152 6.78 6.34 17.43
CA HIS A 152 8.04 6.88 17.96
C HIS A 152 8.69 5.82 18.84
N LYS A 153 9.95 6.06 19.22
CA LYS A 153 10.59 5.27 20.28
C LYS A 153 9.96 5.75 21.59
N TRP A 154 9.39 4.84 22.35
CA TRP A 154 8.74 5.23 23.60
C TRP A 154 9.81 5.83 24.49
N GLU A 155 9.45 6.87 25.23
CA GLU A 155 10.36 7.41 26.26
C GLU A 155 10.04 6.80 27.60
N SER A 156 9.24 5.75 27.62
CA SER A 156 8.77 5.14 28.85
C SER A 156 8.14 3.77 28.57
N SER A 157 7.34 3.26 29.51
CA SER A 157 6.76 1.95 29.40
C SER A 157 5.38 1.99 28.70
N CYS A 158 5.02 3.14 28.11
CA CYS A 158 3.79 3.28 27.31
C CYS A 158 3.98 4.10 26.03
N ALA A 159 2.97 4.08 25.18
CA ALA A 159 3.04 4.83 23.91
C ALA A 159 2.69 6.31 24.11
N TYR A 160 1.69 6.59 24.96
CA TYR A 160 1.22 7.95 25.17
C TYR A 160 0.37 8.05 26.43
N LYS A 161 0.09 9.29 26.85
CA LYS A 161 -0.88 9.56 27.91
C LYS A 161 -2.16 10.15 27.32
N LEU A 162 -3.30 9.78 27.90
CA LEU A 162 -4.58 10.38 27.54
C LEU A 162 -5.15 11.13 28.72
N LYS A 163 -5.88 12.23 28.49
CA LYS A 163 -6.65 12.87 29.54
C LYS A 163 -7.57 11.86 30.22
N LEU A 164 -7.67 11.96 31.53
CA LEU A 164 -8.72 11.30 32.26
C LEU A 164 -9.46 12.44 32.93
N ASP A 165 -10.70 12.67 32.49
CA ASP A 165 -11.51 13.75 32.97
C ASP A 165 -12.32 13.19 34.13
N HIS A 166 -12.60 14.05 35.13
CA HIS A 166 -13.43 13.70 36.31
C HIS A 166 -14.24 14.92 36.70
N ARG A 167 -15.51 14.94 36.31
CA ARG A 167 -16.46 15.98 36.71
C ARG A 167 -17.79 15.35 37.10
N ASP A 168 -18.39 15.89 38.15
CA ASP A 168 -19.63 15.37 38.73
C ASP A 168 -19.68 13.84 38.81
N GLY A 169 -18.72 13.24 39.49
CA GLY A 169 -18.77 11.79 39.74
C GLY A 169 -18.46 10.84 38.59
N ILE A 170 -18.26 11.39 37.37
CA ILE A 170 -18.10 10.60 36.15
C ILE A 170 -16.67 10.61 35.64
N TRP A 171 -16.16 9.43 35.23
CA TRP A 171 -14.84 9.27 34.68
C TRP A 171 -14.91 9.09 33.17
N THR A 172 -14.17 9.91 32.42
CA THR A 172 -14.14 9.83 30.97
C THR A 172 -12.72 10.00 30.43
N ILE A 173 -12.17 8.90 29.94
CA ILE A 173 -10.91 8.94 29.21
C ILE A 173 -11.20 9.62 27.90
N ILE A 174 -10.46 10.68 27.59
CA ILE A 174 -10.56 11.43 26.32
C ILE A 174 -9.22 11.43 25.59
N ASP A 175 -9.25 11.05 24.31
CA ASP A 175 -8.06 11.16 23.43
C ASP A 175 -8.19 12.42 22.58
N ASP A 176 -7.80 13.55 23.14
CA ASP A 176 -7.78 14.81 22.41
C ASP A 176 -6.35 15.26 22.11
N ILE A 177 -5.44 14.31 21.91
CA ILE A 177 -4.06 14.68 21.59
C ILE A 177 -4.08 15.47 20.29
N ASP A 178 -4.51 14.83 19.21
CA ASP A 178 -4.79 15.55 17.94
C ASP A 178 -6.13 16.34 18.11
N ALA A 179 -6.04 17.65 18.39
CA ALA A 179 -7.25 18.44 18.68
C ALA A 179 -8.31 18.54 17.53
N ASP A 180 -7.95 18.09 16.33
CA ASP A 180 -8.88 18.02 15.19
C ASP A 180 -9.16 16.56 14.77
N GLU A 181 -9.04 15.65 15.72
CA GLU A 181 -9.42 14.26 15.50
C GLU A 181 -9.67 13.60 16.88
N ILE A 182 -10.53 14.24 17.67
CA ILE A 182 -10.86 13.75 18.99
C ILE A 182 -11.67 12.46 18.93
N GLU A 183 -11.32 11.54 19.81
CA GLU A 183 -11.98 10.26 19.93
C GLU A 183 -12.25 9.97 21.41
N ILE A 184 -13.40 9.37 21.72
CA ILE A 184 -13.74 8.96 23.07
C ILE A 184 -13.93 7.46 23.05
N PRO A 185 -13.12 6.73 23.79
CA PRO A 185 -13.26 5.28 23.82
C PRO A 185 -14.55 4.81 24.45
N LEU A 186 -15.02 3.64 24.00
CA LEU A 186 -16.24 3.03 24.52
C LEU A 186 -16.09 2.72 25.99
N GLY A 187 -14.93 2.18 26.34
CA GLY A 187 -14.67 1.65 27.68
C GLY A 187 -13.52 0.69 27.62
N TRP A 188 -13.45 -0.25 28.57
CA TRP A 188 -12.32 -1.16 28.63
C TRP A 188 -12.68 -2.49 29.25
N LEU A 189 -11.97 -3.53 28.87
CA LEU A 189 -12.21 -4.86 29.46
C LEU A 189 -11.26 -5.08 30.61
N THR A 190 -11.80 -5.46 31.77
CA THR A 190 -10.95 -5.96 32.85
C THR A 190 -11.07 -7.48 32.91
N PHE A 191 -10.19 -8.10 33.68
CA PHE A 191 -10.21 -9.55 33.79
C PHE A 191 -10.18 -9.89 35.27
N PRO A 192 -11.32 -9.67 35.92
CA PRO A 192 -11.34 -9.69 37.38
C PRO A 192 -11.05 -11.11 37.83
N GLY A 193 -10.15 -11.25 38.81
CA GLY A 193 -9.77 -12.58 39.28
C GLY A 193 -8.42 -13.10 38.80
N ARG A 194 -7.92 -12.60 37.68
CA ARG A 194 -6.63 -13.08 37.17
C ARG A 194 -5.53 -12.06 37.47
N ALA A 195 -4.54 -12.48 38.26
CA ALA A 195 -3.43 -11.60 38.59
C ALA A 195 -2.50 -11.48 37.42
N ASN A 196 -1.75 -10.39 37.36
CA ASN A 196 -0.66 -10.27 36.43
C ASN A 196 0.27 -11.45 36.64
N ARG A 197 0.98 -11.86 35.61
CA ARG A 197 2.02 -12.86 35.82
C ARG A 197 3.19 -12.13 36.47
N PRO A 198 3.96 -12.82 37.34
CA PRO A 198 5.09 -12.15 38.02
C PRO A 198 6.00 -11.52 36.99
N GLU A 199 6.66 -10.41 37.33
CA GLU A 199 7.43 -9.65 36.32
C GLU A 199 8.79 -10.35 36.15
N GLY A 200 9.10 -10.71 34.89
CA GLY A 200 10.17 -11.65 34.60
C GLY A 200 9.82 -13.13 34.83
N ALA A 201 8.52 -13.47 34.82
CA ALA A 201 8.10 -14.86 34.69
C ALA A 201 8.30 -15.24 33.24
N PRO A 202 8.56 -16.54 32.95
CA PRO A 202 8.71 -16.98 31.56
C PRO A 202 7.34 -17.20 30.97
N PRO A 203 7.25 -17.28 29.64
CA PRO A 203 5.90 -17.33 29.06
C PRO A 203 5.25 -18.70 29.25
N VAL A 204 3.93 -18.70 29.40
CA VAL A 204 3.20 -19.94 29.51
C VAL A 204 3.24 -20.61 28.15
N ALA A 205 3.24 -21.93 28.16
CA ALA A 205 3.06 -22.75 26.96
C ALA A 205 1.55 -23.02 26.82
N LEU A 206 1.07 -22.98 25.57
CA LEU A 206 -0.36 -23.04 25.30
C LEU A 206 -0.80 -24.44 25.03
N HIS A 207 -2.03 -24.75 25.41
CA HIS A 207 -2.65 -26.04 25.07
C HIS A 207 -2.76 -26.10 23.55
N PRO A 208 -2.31 -27.22 22.92
CA PRO A 208 -2.12 -27.27 21.48
C PRO A 208 -3.39 -27.14 20.69
N SER A 209 -4.52 -27.49 21.28
CA SER A 209 -5.81 -27.17 20.67
C SER A 209 -6.03 -25.65 20.45
N LEU A 210 -5.09 -24.80 20.85
CA LEU A 210 -5.19 -23.37 20.62
C LEU A 210 -4.21 -22.95 19.53
N HIS A 211 -3.55 -23.91 18.90
CA HIS A 211 -2.67 -23.59 17.79
C HIS A 211 -3.48 -23.02 16.64
N PHE A 212 -2.80 -22.27 15.79
CA PHE A 212 -3.42 -21.60 14.67
C PHE A 212 -3.89 -22.66 13.74
N LYS A 213 -5.14 -22.57 13.30
CA LYS A 213 -5.66 -23.53 12.32
C LYS A 213 -5.05 -23.12 11.03
N GLU A 214 -4.33 -24.05 10.40
CA GLU A 214 -3.70 -23.76 9.11
C GLU A 214 -4.77 -23.20 8.20
N PRO A 215 -4.47 -22.08 7.53
CA PRO A 215 -5.56 -21.48 6.76
C PRO A 215 -5.78 -22.26 5.46
N PRO A 216 -6.87 -21.96 4.74
CA PRO A 216 -7.13 -22.74 3.53
C PRO A 216 -6.12 -22.34 2.49
N LYS A 217 -5.70 -23.26 1.63
CA LYS A 217 -4.70 -22.90 0.62
C LYS A 217 -5.30 -21.85 -0.34
N PRO A 218 -4.47 -20.96 -0.88
CA PRO A 218 -5.09 -19.88 -1.67
C PRO A 218 -5.66 -20.38 -2.99
N TYR A 219 -6.68 -19.70 -3.49
CA TYR A 219 -7.26 -20.03 -4.78
C TYR A 219 -7.79 -18.77 -5.45
N LEU A 220 -7.70 -18.75 -6.78
CA LEU A 220 -8.27 -17.71 -7.66
C LEU A 220 -8.94 -18.42 -8.83
N LEU A 221 -10.26 -18.36 -8.86
CA LEU A 221 -11.05 -19.31 -9.61
C LEU A 221 -12.04 -18.58 -10.50
N ARG A 222 -12.12 -18.98 -11.76
CA ARG A 222 -12.94 -18.27 -12.76
C ARG A 222 -14.38 -18.74 -12.69
N ARG A 223 -15.26 -17.82 -12.36
CA ARG A 223 -16.67 -18.12 -12.12
C ARG A 223 -17.52 -17.58 -13.25
N ASN A 224 -18.70 -18.16 -13.38
CA ASN A 224 -19.70 -17.75 -14.35
C ASN A 224 -20.98 -17.44 -13.59
N PHE A 225 -21.59 -16.29 -13.88
CA PHE A 225 -22.74 -15.78 -13.11
C PHE A 225 -23.87 -15.44 -14.05
N LEU A 226 -25.11 -15.63 -13.61
CA LEU A 226 -26.28 -15.26 -14.41
C LEU A 226 -27.05 -14.18 -13.65
N PRO A 227 -26.81 -12.90 -14.00
CA PRO A 227 -27.40 -11.83 -13.19
C PRO A 227 -28.92 -11.79 -13.28
N THR A 228 -29.58 -11.68 -12.13
CA THR A 228 -31.04 -11.57 -12.09
C THR A 228 -31.50 -10.10 -12.24
N GLU A 229 -30.68 -9.17 -11.73
CA GLU A 229 -30.94 -7.74 -11.83
C GLU A 229 -29.74 -7.09 -12.49
N SER A 230 -29.95 -6.32 -13.58
CA SER A 230 -28.85 -5.57 -14.24
C SER A 230 -29.24 -4.11 -14.57
N LYS A 231 -28.26 -3.22 -14.47
CA LYS A 231 -28.49 -1.76 -14.63
C LYS A 231 -28.04 -1.23 -16.00
N ALA A 232 -29.01 -0.71 -16.78
CA ALA A 232 -28.75 -0.07 -18.08
C ALA A 232 -27.50 0.82 -18.05
N ASN A 233 -27.59 1.95 -17.34
CA ASN A 233 -26.43 2.83 -17.15
C ASN A 233 -25.90 2.71 -15.72
N TRP A 234 -24.69 2.16 -15.60
CA TRP A 234 -24.13 1.72 -14.31
C TRP A 234 -22.91 2.52 -13.87
N LEU A 235 -22.44 3.41 -14.73
CA LEU A 235 -21.37 4.33 -14.42
C LEU A 235 -21.97 5.73 -14.24
N ASP A 236 -21.28 6.57 -13.50
CA ASP A 236 -21.74 7.92 -13.19
C ASP A 236 -21.24 8.89 -14.26
N MET A 237 -22.01 9.11 -15.31
CA MET A 237 -21.57 9.91 -16.47
C MET A 237 -21.17 11.37 -16.13
N ASN A 238 -21.65 11.89 -15.01
CA ASN A 238 -21.22 13.21 -14.51
C ASN A 238 -19.73 13.22 -14.24
N ASN A 239 -19.29 12.26 -13.43
CA ASN A 239 -17.89 12.08 -13.09
C ASN A 239 -17.00 11.94 -14.34
N PRO A 240 -16.12 12.93 -14.58
CA PRO A 240 -15.39 12.96 -15.86
C PRO A 240 -14.54 11.70 -16.11
N ALA A 241 -13.90 11.20 -15.06
CA ALA A 241 -13.17 9.93 -15.17
C ALA A 241 -14.02 8.87 -15.88
N GLU A 242 -15.16 8.58 -15.27
CA GLU A 242 -16.05 7.53 -15.75
C GLU A 242 -16.61 7.80 -17.16
N ARG A 243 -16.67 9.06 -17.56
CA ARG A 243 -17.09 9.44 -18.92
C ARG A 243 -16.06 9.01 -19.99
N LEU A 244 -14.85 9.56 -19.89
CA LEU A 244 -13.76 9.25 -20.84
C LEU A 244 -13.50 7.75 -20.99
N PHE A 245 -13.79 7.00 -19.92
CA PHE A 245 -13.83 5.54 -20.01
C PHE A 245 -14.86 5.05 -21.06
N VAL A 246 -16.11 5.52 -20.93
CA VAL A 246 -17.19 5.03 -21.79
C VAL A 246 -16.94 5.37 -23.26
N GLU A 247 -16.46 6.59 -23.51
CA GLU A 247 -16.23 7.03 -24.90
C GLU A 247 -14.94 6.43 -25.47
N GLU A 248 -14.19 5.73 -24.62
CA GLU A 248 -13.05 4.93 -25.06
C GLU A 248 -13.47 3.49 -25.37
N PHE A 249 -14.32 2.90 -24.52
CA PHE A 249 -14.77 1.51 -24.68
C PHE A 249 -16.29 1.42 -24.98
N GLY A 250 -16.69 1.78 -26.19
CA GLY A 250 -18.06 1.53 -26.67
C GLY A 250 -19.18 2.28 -25.93
N VAL A 262 -25.17 -13.24 -19.52
CA VAL A 262 -24.57 -14.17 -18.55
C VAL A 262 -23.04 -14.08 -18.54
N VAL A 263 -22.46 -13.64 -17.42
CA VAL A 263 -21.10 -13.08 -17.38
C VAL A 263 -20.06 -13.84 -16.53
N SER A 264 -18.90 -13.20 -16.36
CA SER A 264 -17.67 -13.88 -15.92
C SER A 264 -16.72 -12.98 -15.11
N TYR A 265 -16.12 -13.56 -14.07
CA TYR A 265 -15.17 -12.85 -13.22
C TYR A 265 -14.34 -13.87 -12.49
N TYR A 266 -13.40 -13.42 -11.69
CA TYR A 266 -12.57 -14.33 -10.90
C TYR A 266 -12.91 -14.21 -9.42
N GLU A 267 -12.88 -15.33 -8.70
CA GLU A 267 -13.09 -15.33 -7.25
C GLU A 267 -11.85 -15.85 -6.57
N SER A 268 -11.35 -15.05 -5.63
CA SER A 268 -10.21 -15.40 -4.81
C SER A 268 -10.69 -15.56 -3.40
N ASN A 269 -10.02 -16.45 -2.65
CA ASN A 269 -10.27 -16.53 -1.21
C ASN A 269 -9.41 -15.48 -0.55
N HIS A 270 -9.73 -15.20 0.70
CA HIS A 270 -9.04 -14.19 1.47
C HIS A 270 -7.55 -14.48 1.62
N GLU A 271 -7.20 -15.75 1.68
CA GLU A 271 -5.82 -16.15 1.81
C GLU A 271 -5.04 -15.77 0.55
N PHE A 272 -5.62 -15.98 -0.63
CA PHE A 272 -4.97 -15.53 -1.87
C PHE A 272 -4.71 -14.03 -1.86
N HIS A 273 -5.65 -13.26 -1.34
CA HIS A 273 -5.48 -11.82 -1.32
C HIS A 273 -4.38 -11.45 -0.34
N LEU A 274 -4.25 -12.21 0.74
CA LEU A 274 -3.21 -11.96 1.73
C LEU A 274 -1.87 -12.28 1.12
N ARG A 275 -1.81 -13.40 0.43
CA ARG A 275 -0.59 -13.78 -0.25
C ARG A 275 -0.09 -12.72 -1.21
N CYS A 276 -1.00 -11.96 -1.83
CA CYS A 276 -0.63 -10.90 -2.75
C CYS A 276 -0.15 -9.65 -2.01
N VAL A 277 -0.76 -9.34 -0.88
CA VAL A 277 -0.34 -8.19 -0.10
C VAL A 277 1.10 -8.42 0.40
N ALA A 278 1.33 -9.61 0.95
CA ALA A 278 2.64 -9.95 1.49
C ALA A 278 3.70 -10.06 0.39
N TYR A 279 3.42 -10.79 -0.68
CA TYR A 279 4.40 -10.89 -1.76
C TYR A 279 4.62 -9.54 -2.44
N GLY A 280 3.54 -8.79 -2.64
CA GLY A 280 3.64 -7.46 -3.21
C GLY A 280 4.57 -6.58 -2.41
N THR A 281 4.22 -6.34 -1.14
CA THR A 281 4.97 -5.41 -0.28
C THR A 281 6.45 -5.86 -0.18
N GLN A 282 6.69 -7.17 -0.17
CA GLN A 282 8.06 -7.66 -0.04
C GLN A 282 8.79 -7.46 -1.36
N LEU A 283 8.21 -7.86 -2.47
CA LEU A 283 8.83 -7.56 -3.73
C LEU A 283 9.18 -6.06 -3.85
N HIS A 284 8.25 -5.17 -3.49
CA HIS A 284 8.55 -3.74 -3.50
C HIS A 284 9.81 -3.36 -2.68
N ALA A 285 9.95 -3.93 -1.49
CA ALA A 285 11.12 -3.68 -0.68
C ALA A 285 12.36 -4.16 -1.48
N ILE A 286 12.24 -5.37 -2.07
CA ILE A 286 13.34 -6.04 -2.75
C ILE A 286 13.78 -5.22 -3.98
N PHE A 287 12.80 -4.72 -4.72
CA PHE A 287 13.10 -3.89 -5.89
C PHE A 287 13.76 -2.57 -5.49
N MET A 288 13.34 -2.02 -4.35
CA MET A 288 13.86 -0.74 -3.87
C MET A 288 15.33 -0.90 -3.46
N GLU A 289 15.63 -1.97 -2.74
CA GLU A 289 16.99 -2.29 -2.36
C GLU A 289 17.86 -2.44 -3.61
N ALA A 290 17.45 -3.34 -4.50
CA ALA A 290 18.09 -3.45 -5.80
C ALA A 290 18.28 -2.08 -6.45
N THR A 291 17.24 -1.24 -6.40
CA THR A 291 17.30 0.06 -7.09
C THR A 291 18.33 0.96 -6.45
N ALA A 292 18.55 0.84 -5.14
CA ALA A 292 19.65 1.59 -4.50
C ALA A 292 21.00 1.10 -5.02
N GLN A 293 21.16 -0.21 -5.18
CA GLN A 293 22.44 -0.75 -5.62
C GLN A 293 22.83 -0.24 -6.99
N VAL A 294 21.86 -0.23 -7.90
CA VAL A 294 22.07 0.30 -9.27
C VAL A 294 22.47 1.77 -9.20
N ILE A 295 21.70 2.55 -8.44
CA ILE A 295 21.94 3.98 -8.30
C ILE A 295 23.37 4.31 -7.85
N GLU A 296 23.94 3.52 -6.93
CA GLU A 296 25.29 3.80 -6.38
C GLU A 296 26.47 3.24 -7.22
N SER A 297 26.16 2.62 -8.37
CA SER A 297 27.16 1.97 -9.22
C SER A 297 27.17 2.52 -10.65
N ASP A 298 28.27 3.14 -11.04
CA ASP A 298 28.49 3.57 -12.41
C ASP A 298 28.31 2.43 -13.42
N GLU A 299 28.70 1.23 -13.03
CA GLU A 299 28.71 0.07 -13.95
C GLU A 299 27.28 -0.35 -14.24
N LYS A 300 26.55 -0.60 -13.16
CA LYS A 300 25.16 -0.97 -13.24
C LYS A 300 24.32 0.11 -13.99
N LEU A 301 24.59 1.38 -13.76
CA LEU A 301 23.86 2.44 -14.50
C LEU A 301 24.12 2.44 -16.02
N ARG A 302 25.34 2.07 -16.43
CA ARG A 302 25.61 1.92 -17.86
C ARG A 302 24.89 0.68 -18.39
N LEU A 303 24.77 -0.34 -17.55
CA LEU A 303 24.12 -1.58 -17.95
C LEU A 303 22.65 -1.35 -18.20
N PHE A 304 22.05 -0.47 -17.41
CA PHE A 304 20.63 -0.13 -17.54
C PHE A 304 20.39 0.88 -18.69
N ALA A 305 21.49 1.21 -19.38
CA ALA A 305 21.45 2.10 -20.55
C ALA A 305 20.96 3.50 -20.20
N ILE A 306 21.28 3.97 -19.00
CA ILE A 306 21.05 5.36 -18.62
C ILE A 306 22.22 6.14 -19.18
N PRO A 307 21.97 7.06 -20.12
CA PRO A 307 23.16 7.79 -20.59
C PRO A 307 23.91 8.48 -19.45
N GLU A 308 25.25 8.43 -19.51
CA GLU A 308 26.12 9.01 -18.49
C GLU A 308 25.77 10.44 -18.12
N GLU A 309 25.33 11.21 -19.09
CA GLU A 309 25.00 12.61 -18.88
C GLU A 309 23.87 12.82 -17.86
N PHE A 310 23.03 11.81 -17.67
CA PHE A 310 21.90 11.93 -16.78
C PHE A 310 22.13 11.38 -15.40
N TRP A 311 23.37 10.98 -15.09
CA TRP A 311 23.65 10.35 -13.79
C TRP A 311 23.49 11.30 -12.61
N PRO A 312 24.13 12.47 -12.66
CA PRO A 312 23.86 13.46 -11.64
C PRO A 312 22.36 13.66 -11.37
N ARG A 313 21.57 13.69 -12.43
CA ARG A 313 20.16 14.01 -12.30
C ARG A 313 19.41 12.87 -11.66
N ILE A 314 19.61 11.67 -12.17
CA ILE A 314 18.89 10.50 -11.65
C ILE A 314 19.31 10.25 -10.21
N ARG A 315 20.61 10.38 -9.96
CA ARG A 315 21.13 10.22 -8.60
C ARG A 315 20.54 11.23 -7.63
N HIS A 316 20.37 12.45 -8.13
CA HIS A 316 19.71 13.53 -7.39
C HIS A 316 18.28 13.13 -7.12
N SER A 317 17.56 12.69 -8.15
CA SER A 317 16.20 12.23 -7.97
C SER A 317 16.10 11.25 -6.81
N TRP A 318 17.07 10.35 -6.73
CA TRP A 318 17.01 9.24 -5.82
C TRP A 318 17.16 9.72 -4.40
N LYS A 319 18.06 10.68 -4.19
CA LYS A 319 18.25 11.33 -2.89
C LYS A 319 17.09 12.25 -2.55
N TYR A 320 16.72 13.10 -3.48
CA TYR A 320 15.73 14.15 -3.22
C TYR A 320 14.33 13.60 -2.97
N GLN A 321 13.92 12.60 -3.75
CA GLN A 321 12.52 12.17 -3.74
C GLN A 321 12.38 10.67 -3.52
N GLN A 322 11.88 10.31 -2.33
CA GLN A 322 11.63 8.93 -1.99
C GLN A 322 10.12 8.75 -1.78
N THR A 323 9.33 9.46 -2.58
CA THR A 323 7.90 9.25 -2.63
C THR A 323 7.48 9.05 -4.08
N TYR A 324 6.28 8.50 -4.23
CA TYR A 324 5.84 7.94 -5.49
C TYR A 324 4.39 7.48 -5.26
N ILE A 325 3.57 7.47 -6.31
CA ILE A 325 2.17 7.17 -6.14
C ILE A 325 1.82 5.75 -6.60
N SER A 326 2.18 5.38 -7.83
CA SER A 326 1.77 4.10 -8.36
C SER A 326 2.87 3.32 -9.07
N GLY A 327 2.69 1.99 -9.07
CA GLY A 327 3.50 1.02 -9.79
C GLY A 327 2.70 -0.29 -9.78
N ARG A 328 2.92 -1.17 -10.76
CA ARG A 328 2.08 -2.36 -10.87
C ARG A 328 2.88 -3.58 -11.12
N PHE A 329 2.72 -4.60 -10.29
CA PHE A 329 3.41 -5.88 -10.50
C PHE A 329 2.65 -6.70 -11.53
N ASP A 330 3.35 -7.54 -12.27
CA ASP A 330 2.69 -8.53 -13.12
C ASP A 330 2.98 -9.94 -12.63
N PHE A 331 1.92 -10.62 -12.14
CA PHE A 331 2.02 -11.94 -11.55
C PHE A 331 1.35 -12.95 -12.44
N ALA A 332 1.81 -14.19 -12.34
CA ALA A 332 1.08 -15.37 -12.76
C ALA A 332 0.75 -16.19 -11.51
N PHE A 333 -0.36 -16.90 -11.54
CA PHE A 333 -0.74 -17.74 -10.42
C PHE A 333 -1.28 -19.07 -10.89
N ASN A 334 -0.82 -20.12 -10.23
CA ASN A 334 -1.15 -21.50 -10.55
C ASN A 334 -1.89 -22.11 -9.36
N ASN A 335 -3.20 -22.32 -9.55
CA ASN A 335 -4.11 -22.92 -8.54
C ASN A 335 -3.68 -24.25 -7.91
N GLU A 336 -3.16 -25.18 -8.70
CA GLU A 336 -2.76 -26.51 -8.18
C GLU A 336 -1.49 -26.43 -7.29
N THR A 337 -0.45 -25.76 -7.80
CA THR A 337 0.81 -25.65 -7.07
C THR A 337 0.81 -24.59 -5.96
N GLY A 338 -0.13 -23.65 -5.99
CA GLY A 338 -0.14 -22.52 -5.05
C GLY A 338 0.85 -21.38 -5.37
N GLU A 339 1.60 -21.52 -6.47
CA GLU A 339 2.70 -20.64 -6.78
C GLU A 339 2.26 -19.32 -7.39
N VAL A 340 2.84 -18.24 -6.88
CA VAL A 340 2.70 -16.92 -7.43
C VAL A 340 4.07 -16.51 -7.88
N LYS A 341 4.25 -16.20 -9.16
CA LYS A 341 5.54 -15.72 -9.62
C LYS A 341 5.40 -14.32 -10.22
N CYS A 342 6.36 -13.45 -9.92
CA CYS A 342 6.40 -12.10 -10.45
C CYS A 342 7.27 -12.03 -11.69
N PHE A 343 6.70 -11.55 -12.78
CA PHE A 343 7.46 -11.33 -14.01
C PHE A 343 8.19 -10.01 -14.00
N GLU A 344 7.51 -8.94 -13.61
CA GLU A 344 8.09 -7.61 -13.72
C GLU A 344 7.34 -6.58 -12.88
N TYR A 345 7.99 -5.45 -12.64
CA TYR A 345 7.40 -4.35 -11.88
C TYR A 345 7.39 -3.22 -12.85
N ASN A 346 6.20 -2.85 -13.31
CA ASN A 346 6.02 -1.66 -14.15
C ASN A 346 5.78 -0.49 -13.25
N ALA A 347 6.87 0.09 -12.76
CA ALA A 347 6.79 1.19 -11.80
C ALA A 347 6.73 2.57 -12.43
N ASP A 348 7.02 2.72 -13.74
CA ASP A 348 7.04 4.09 -14.35
C ASP A 348 5.63 4.55 -14.71
N SER A 349 4.94 3.82 -15.57
CA SER A 349 3.48 3.98 -15.61
C SER A 349 2.72 2.81 -16.23
N ALA A 350 1.78 2.31 -15.44
CA ALA A 350 0.96 1.18 -15.81
C ALA A 350 -0.45 1.62 -16.13
N SER A 351 -1.04 0.99 -17.14
CA SER A 351 -2.45 1.17 -17.40
C SER A 351 -3.16 0.35 -16.33
N THR A 352 -4.46 0.53 -16.17
CA THR A 352 -5.28 -0.43 -15.44
C THR A 352 -5.70 0.08 -14.07
N LEU A 353 -5.20 1.25 -13.65
CA LEU A 353 -5.56 1.76 -12.32
C LEU A 353 -7.07 2.05 -12.13
N LEU A 354 -7.68 2.78 -13.06
CA LEU A 354 -9.11 3.10 -12.90
C LEU A 354 -9.91 1.82 -12.87
N GLU A 355 -9.57 0.91 -13.78
CA GLU A 355 -10.27 -0.37 -13.90
C GLU A 355 -10.27 -1.07 -12.56
N CYS A 356 -9.11 -1.07 -11.92
CA CYS A 356 -8.88 -1.86 -10.75
C CYS A 356 -9.58 -1.25 -9.55
N GLY A 357 -9.38 0.04 -9.34
CA GLY A 357 -9.86 0.71 -8.14
C GLY A 357 -11.25 1.31 -8.19
N LEU A 358 -11.96 1.12 -9.30
CA LEU A 358 -13.30 1.68 -9.47
C LEU A 358 -14.14 0.83 -10.41
N ILE A 359 -13.81 0.80 -11.71
CA ILE A 359 -14.74 0.27 -12.70
C ILE A 359 -15.20 -1.16 -12.39
N GLN A 360 -14.30 -2.00 -11.87
CA GLN A 360 -14.65 -3.40 -11.63
C GLN A 360 -15.71 -3.58 -10.53
N GLN A 361 -15.65 -2.75 -9.49
CA GLN A 361 -16.69 -2.77 -8.45
C GLN A 361 -17.98 -2.19 -9.03
N LYS A 362 -17.89 -1.01 -9.61
CA LYS A 362 -19.02 -0.40 -10.31
C LYS A 362 -19.72 -1.46 -11.16
N TRP A 363 -18.95 -2.15 -12.00
CA TRP A 363 -19.50 -3.21 -12.82
C TRP A 363 -20.21 -4.27 -11.95
N ALA A 364 -19.52 -4.76 -10.93
CA ALA A 364 -20.05 -5.84 -10.08
C ALA A 364 -21.39 -5.45 -9.43
N GLU A 365 -21.51 -4.19 -9.03
CA GLU A 365 -22.78 -3.63 -8.57
C GLU A 365 -23.85 -3.75 -9.66
N SER A 366 -23.48 -3.45 -10.91
CA SER A 366 -24.41 -3.50 -12.03
C SER A 366 -25.01 -4.88 -12.26
N VAL A 367 -24.20 -5.93 -12.08
CA VAL A 367 -24.70 -7.31 -12.25
C VAL A 367 -25.04 -7.96 -10.90
N GLY A 368 -25.13 -7.14 -9.85
CA GLY A 368 -25.58 -7.58 -8.53
C GLY A 368 -24.64 -8.56 -7.85
N LEU A 369 -23.35 -8.45 -8.14
CA LEU A 369 -22.37 -9.41 -7.65
C LEU A 369 -21.73 -8.96 -6.32
N ASP A 370 -22.06 -7.75 -5.88
CA ASP A 370 -21.62 -7.29 -4.57
C ASP A 370 -22.53 -7.80 -3.45
N LYS A 371 -22.74 -9.12 -3.40
CA LYS A 371 -23.45 -9.75 -2.29
C LYS A 371 -22.60 -9.55 -1.02
N GLN A 372 -23.15 -9.94 0.13
CA GLN A 372 -22.48 -9.68 1.41
C GLN A 372 -21.11 -10.38 1.52
N ASP A 373 -20.99 -11.58 0.96
CA ASP A 373 -19.83 -12.44 1.20
C ASP A 373 -18.57 -12.16 0.35
N THR A 374 -18.62 -11.26 -0.62
CA THR A 374 -17.40 -10.88 -1.38
C THR A 374 -17.17 -9.37 -1.50
N ARG A 375 -15.92 -8.96 -1.74
CA ARG A 375 -15.56 -7.55 -1.92
C ARG A 375 -14.82 -7.28 -3.21
N GLY A 376 -14.85 -6.04 -3.66
CA GLY A 376 -14.06 -5.61 -4.79
C GLY A 376 -12.55 -5.68 -4.52
N SER A 377 -11.84 -6.40 -5.39
CA SER A 377 -10.40 -6.58 -5.24
C SER A 377 -9.58 -5.30 -4.97
N GLY A 378 -10.03 -4.16 -5.52
CA GLY A 378 -9.33 -2.88 -5.38
C GLY A 378 -10.03 -1.88 -4.46
N PHE A 379 -10.66 -2.39 -3.42
CA PHE A 379 -11.42 -1.52 -2.52
C PHE A 379 -10.51 -0.48 -1.87
N ALA A 380 -9.33 -0.92 -1.45
CA ALA A 380 -8.33 -0.05 -0.82
C ALA A 380 -7.77 1.07 -1.72
N VAL A 381 -7.82 0.90 -3.03
CA VAL A 381 -7.10 1.80 -3.94
C VAL A 381 -7.40 3.27 -3.66
N GLU A 382 -8.67 3.63 -3.73
CA GLU A 382 -9.17 4.98 -3.44
C GLU A 382 -8.50 5.54 -2.19
N ARG A 383 -8.67 4.84 -1.08
CA ARG A 383 -8.25 5.33 0.23
C ARG A 383 -6.72 5.46 0.34
N ASN A 384 -6.01 4.64 -0.42
CA ASN A 384 -4.56 4.60 -0.42
C ASN A 384 -3.89 5.61 -1.35
N LEU A 385 -4.61 6.02 -2.41
CA LEU A 385 -4.17 7.11 -3.27
C LEU A 385 -4.14 8.37 -2.46
N LYS A 386 -5.16 8.58 -1.64
CA LYS A 386 -5.20 9.73 -0.77
C LYS A 386 -4.02 9.73 0.18
N MET A 387 -3.74 8.58 0.78
CA MET A 387 -2.61 8.47 1.73
C MET A 387 -1.25 8.64 1.06
N ALA A 388 -1.10 8.18 -0.17
CA ALA A 388 0.14 8.44 -0.93
C ALA A 388 0.28 9.94 -1.13
N TRP A 389 -0.80 10.58 -1.58
CA TRP A 389 -0.73 12.00 -1.89
C TRP A 389 -0.51 12.82 -0.63
N ALA A 390 -1.28 12.51 0.42
CA ALA A 390 -1.18 13.21 1.69
C ALA A 390 0.25 13.15 2.22
N ASN A 391 0.94 12.04 1.98
CA ASN A 391 2.30 11.84 2.49
C ASN A 391 3.38 12.00 1.41
N SER A 392 2.99 12.42 0.21
CA SER A 392 3.92 12.50 -0.93
C SER A 392 4.99 13.54 -0.78
N GLY A 393 4.72 14.56 0.03
CA GLY A 393 5.57 15.73 0.12
C GLY A 393 5.13 16.83 -0.83
N ALA A 394 4.17 16.57 -1.72
CA ALA A 394 3.72 17.60 -2.63
C ALA A 394 2.94 18.60 -1.83
N THR A 395 3.24 19.89 -1.97
CA THR A 395 2.36 20.94 -1.46
C THR A 395 2.16 22.00 -2.52
N GLY A 396 1.07 22.77 -2.38
CA GLY A 396 0.64 23.71 -3.42
C GLY A 396 0.01 23.00 -4.60
N ARG A 397 0.23 23.53 -5.80
CA ARG A 397 -0.48 23.03 -6.99
C ARG A 397 0.26 21.88 -7.66
N VAL A 398 -0.51 20.90 -8.16
CA VAL A 398 0.02 19.72 -8.79
C VAL A 398 -0.47 19.69 -10.22
N HIS A 399 0.46 19.62 -11.16
CA HIS A 399 0.12 19.57 -12.57
C HIS A 399 0.08 18.13 -13.06
N PHE A 400 -1.09 17.69 -13.54
CA PHE A 400 -1.24 16.35 -14.15
C PHE A 400 -1.15 16.38 -15.67
N CYS A 401 -0.11 15.76 -16.21
CA CYS A 401 0.26 15.99 -17.60
C CYS A 401 0.23 14.75 -18.46
N VAL A 402 -0.52 14.84 -19.58
CA VAL A 402 -0.84 13.66 -20.42
C VAL A 402 -0.86 13.98 -21.92
N ASP A 403 -1.03 12.95 -22.75
CA ASP A 403 -1.14 13.07 -24.22
C ASP A 403 -2.62 13.11 -24.65
N GLU A 404 -2.83 13.36 -25.94
CA GLU A 404 -4.18 13.34 -26.53
C GLU A 404 -4.64 11.90 -26.63
N GLU A 405 -4.80 11.28 -25.45
CA GLU A 405 -5.18 9.89 -25.33
C GLU A 405 -6.06 9.76 -24.09
N ARG A 406 -7.27 9.25 -24.28
CA ARG A 406 -8.28 9.18 -23.23
C ARG A 406 -7.86 8.25 -22.07
N GLU A 407 -7.17 7.17 -22.39
CA GLU A 407 -6.78 6.21 -21.36
C GLU A 407 -5.95 6.92 -20.28
N GLU A 408 -5.03 7.78 -20.74
CA GLU A 408 -4.16 8.55 -19.86
C GLU A 408 -4.97 9.62 -19.11
N GLN A 409 -5.98 10.20 -19.77
CA GLN A 409 -6.76 11.25 -19.14
C GLN A 409 -7.57 10.75 -17.94
N TYR A 410 -8.25 9.62 -18.10
CA TYR A 410 -9.02 9.07 -16.99
C TYR A 410 -8.09 8.53 -15.90
N THR A 411 -6.92 8.04 -16.28
CA THR A 411 -5.93 7.66 -15.29
C THR A 411 -5.56 8.89 -14.47
N ALA A 412 -5.40 10.03 -15.14
CA ALA A 412 -4.92 11.26 -14.50
C ALA A 412 -6.00 11.85 -13.60
N LEU A 413 -7.20 11.93 -14.14
CA LEU A 413 -8.29 12.58 -13.42
C LEU A 413 -8.60 11.83 -12.14
N TYR A 414 -8.38 10.51 -12.18
CA TYR A 414 -8.60 9.64 -11.03
C TYR A 414 -7.62 9.93 -9.89
N CYS A 415 -6.37 10.23 -10.23
CA CYS A 415 -5.40 10.63 -9.21
C CYS A 415 -5.57 12.07 -8.82
N MET A 416 -6.15 12.88 -9.70
CA MET A 416 -6.50 14.25 -9.32
C MET A 416 -7.61 14.27 -8.27
N GLN A 417 -8.67 13.49 -8.49
CA GLN A 417 -9.75 13.34 -7.50
C GLN A 417 -9.16 13.04 -6.12
N ALA A 418 -8.23 12.09 -6.07
CA ALA A 418 -7.57 11.72 -4.84
C ALA A 418 -6.70 12.85 -4.31
N ALA A 419 -5.97 13.51 -5.21
CA ALA A 419 -5.12 14.63 -4.85
C ALA A 419 -5.97 15.74 -4.25
N GLU A 420 -7.01 16.15 -4.97
CA GLU A 420 -7.86 17.24 -4.51
C GLU A 420 -8.59 16.92 -3.21
N ALA A 421 -8.88 15.64 -3.00
CA ALA A 421 -9.48 15.17 -1.76
C ALA A 421 -8.63 15.45 -0.51
N VAL A 422 -7.30 15.45 -0.65
CA VAL A 422 -6.43 15.63 0.53
C VAL A 422 -5.77 17.02 0.61
N GLY A 423 -6.38 18.01 -0.03
CA GLY A 423 -5.92 19.39 0.08
C GLY A 423 -5.08 19.93 -1.07
N LEU A 424 -4.70 19.08 -2.01
CA LEU A 424 -3.87 19.53 -3.12
C LEU A 424 -4.76 20.12 -4.22
N GLU A 425 -4.24 21.13 -4.92
CA GLU A 425 -4.94 21.78 -6.04
C GLU A 425 -4.40 21.22 -7.37
N GLY A 426 -5.30 20.85 -8.27
CA GLY A 426 -4.94 20.10 -9.46
C GLY A 426 -5.33 20.78 -10.74
N LYS A 427 -4.52 20.58 -11.77
CA LYS A 427 -4.71 21.15 -13.08
C LYS A 427 -4.28 20.13 -14.15
N LEU A 428 -5.28 19.55 -14.84
CA LEU A 428 -5.06 18.65 -15.97
C LEU A 428 -4.46 19.41 -17.13
N CYS A 429 -3.37 18.88 -17.68
CA CYS A 429 -2.67 19.49 -18.80
C CYS A 429 -2.49 18.53 -19.97
N ILE A 430 -3.28 18.68 -21.04
CA ILE A 430 -3.12 17.83 -22.24
C ILE A 430 -2.12 18.49 -23.17
N LEU A 431 -1.00 17.80 -23.41
CA LEU A 431 0.15 18.37 -24.12
C LEU A 431 0.62 19.64 -23.39
N PHE A 432 1.37 20.48 -24.09
CA PHE A 432 2.23 21.45 -23.44
C PHE A 432 1.88 22.92 -23.60
N ASP A 433 0.66 23.25 -23.99
CA ASP A 433 0.37 24.65 -24.30
C ASP A 433 -0.26 25.40 -23.13
N GLU A 434 -0.66 24.66 -22.10
CA GLU A 434 -1.00 25.25 -20.79
C GLU A 434 0.22 25.93 -20.17
N PHE A 435 1.42 25.52 -20.57
CA PHE A 435 2.65 26.10 -20.04
C PHE A 435 3.30 27.19 -20.91
N ARG A 436 4.07 28.04 -20.24
CA ARG A 436 4.92 29.04 -20.91
C ARG A 436 6.20 29.20 -20.08
N PHE A 437 7.19 29.87 -20.66
CA PHE A 437 8.40 30.26 -19.95
C PHE A 437 8.26 31.70 -19.46
N ASP A 438 8.65 31.95 -18.21
CA ASP A 438 8.65 33.31 -17.68
C ASP A 438 9.99 34.00 -17.95
N ASP A 439 10.05 35.28 -17.58
CA ASP A 439 11.25 36.12 -17.71
C ASP A 439 12.60 35.52 -17.25
N ASN A 440 12.60 34.45 -16.46
CA ASN A 440 13.86 33.87 -15.98
C ASN A 440 14.16 32.43 -16.43
N GLY A 441 13.43 31.94 -17.44
CA GLY A 441 13.61 30.58 -17.96
C GLY A 441 12.83 29.49 -17.21
N HIS A 442 12.03 29.86 -16.23
CA HIS A 442 11.28 28.86 -15.46
C HIS A 442 9.94 28.54 -16.11
N VAL A 443 9.46 27.30 -15.94
CA VAL A 443 8.22 26.87 -16.56
C VAL A 443 7.05 27.27 -15.67
N VAL A 444 6.05 27.94 -16.24
CA VAL A 444 4.88 28.41 -15.48
C VAL A 444 3.59 28.00 -16.23
N ASP A 445 2.44 28.10 -15.56
CA ASP A 445 1.16 27.66 -16.15
C ASP A 445 0.31 28.86 -16.57
N SER A 446 -0.96 28.65 -16.92
CA SER A 446 -1.76 29.75 -17.49
C SER A 446 -2.10 30.83 -16.48
N ASP A 447 -2.18 30.48 -15.19
CA ASP A 447 -2.49 31.47 -14.16
C ASP A 447 -1.23 32.18 -13.67
N GLY A 448 -0.09 31.85 -14.27
CA GLY A 448 1.21 32.49 -13.95
C GLY A 448 2.02 31.79 -12.86
N VAL A 449 1.59 30.60 -12.48
CA VAL A 449 2.14 29.88 -11.32
C VAL A 449 3.32 28.97 -11.71
N ARG A 450 4.45 29.08 -11.01
CA ARG A 450 5.63 28.25 -11.31
C ARG A 450 5.37 26.81 -11.00
N VAL A 451 5.79 25.93 -11.89
CA VAL A 451 5.53 24.52 -11.78
C VAL A 451 6.36 24.04 -10.61
N ARG A 452 5.79 23.15 -9.80
CA ARG A 452 6.51 22.54 -8.67
C ARG A 452 6.26 21.04 -8.51
N ASN A 453 5.06 20.58 -8.86
CA ASN A 453 4.70 19.19 -8.73
C ASN A 453 4.08 18.71 -10.01
N VAL A 454 4.63 17.64 -10.57
CA VAL A 454 4.11 17.14 -11.85
C VAL A 454 3.83 15.66 -11.85
N TRP A 455 2.56 15.29 -11.87
CA TRP A 455 2.16 13.90 -12.07
C TRP A 455 2.04 13.71 -13.58
N LYS A 456 2.46 12.58 -14.11
CA LYS A 456 2.39 12.41 -15.57
C LYS A 456 2.42 10.96 -16.02
N THR A 457 1.85 10.73 -17.18
CA THR A 457 1.93 9.44 -17.88
C THR A 457 3.09 9.47 -18.86
N TRP A 458 3.39 10.63 -19.41
CA TRP A 458 4.62 10.83 -20.17
C TRP A 458 5.76 10.01 -19.56
N MET A 459 6.43 9.24 -20.40
CA MET A 459 7.50 8.39 -19.92
C MET A 459 8.87 9.03 -19.98
N TRP A 460 9.73 8.65 -19.03
CA TRP A 460 11.04 9.27 -18.95
C TRP A 460 11.88 9.06 -20.23
N GLU A 461 11.69 7.91 -20.88
CA GLU A 461 12.34 7.63 -22.16
C GLU A 461 11.89 8.60 -23.21
N SER A 462 10.59 8.85 -23.28
CA SER A 462 10.05 9.80 -24.27
C SER A 462 10.67 11.18 -24.06
N ALA A 463 10.76 11.59 -22.79
CA ALA A 463 11.47 12.82 -22.40
C ALA A 463 12.92 12.77 -22.83
N ILE A 464 13.64 11.71 -22.50
CA ILE A 464 15.04 11.60 -22.90
C ILE A 464 15.26 11.68 -24.43
N THR A 465 14.33 11.12 -25.21
CA THR A 465 14.37 11.27 -26.68
C THR A 465 14.12 12.70 -27.14
N ASP A 466 13.13 13.35 -26.52
CA ASP A 466 12.75 14.73 -26.85
C ASP A 466 13.86 15.71 -26.46
N TYR A 467 14.60 15.39 -25.41
CA TYR A 467 15.75 16.15 -24.97
C TYR A 467 16.85 16.07 -26.01
N TYR A 468 17.12 14.87 -26.52
CA TYR A 468 18.14 14.73 -27.56
C TYR A 468 17.72 15.39 -28.88
N ALA A 469 16.44 15.26 -29.23
CA ALA A 469 15.90 15.94 -30.41
C ALA A 469 16.01 17.44 -30.24
N ALA A 470 15.61 17.93 -29.06
CA ALA A 470 15.60 19.36 -28.79
C ALA A 470 17.00 19.91 -28.95
N ARG A 471 17.98 19.11 -28.57
CA ARG A 471 19.36 19.57 -28.51
C ARG A 471 19.88 20.23 -29.81
N GLU A 472 19.39 19.85 -30.99
CA GLU A 472 19.76 20.59 -32.25
C GLU A 472 18.72 21.63 -32.67
N GLU A 473 17.46 21.21 -32.79
CA GLU A 473 16.36 22.11 -33.16
C GLU A 473 16.55 23.57 -32.68
N ARG A 474 17.23 23.76 -31.55
CA ARG A 474 17.60 25.11 -31.06
C ARG A 474 19.11 25.34 -30.90
N GLY A 475 19.83 24.27 -30.51
CA GLY A 475 21.27 24.36 -30.26
C GLY A 475 21.66 24.19 -28.79
N GLU A 476 22.91 24.53 -28.49
CA GLU A 476 23.54 24.26 -27.19
C GLU A 476 23.88 25.54 -26.40
N ASN A 477 24.03 26.66 -27.10
CA ASN A 477 24.02 27.98 -26.43
C ASN A 477 22.58 28.46 -26.08
N TRP A 478 21.57 27.76 -26.61
CA TRP A 478 20.15 28.12 -26.42
C TRP A 478 19.77 28.19 -24.96
N LYS A 479 19.00 29.21 -24.63
CA LYS A 479 18.46 29.36 -23.29
C LYS A 479 17.02 29.82 -23.41
N PRO A 480 16.10 29.15 -22.71
CA PRO A 480 14.68 29.39 -22.94
C PRO A 480 14.25 30.84 -22.64
N SER A 481 13.40 31.37 -23.51
CA SER A 481 12.76 32.68 -23.31
C SER A 481 11.25 32.52 -23.58
N PRO A 482 10.42 33.51 -23.17
CA PRO A 482 8.97 33.45 -23.42
C PRO A 482 8.58 33.16 -24.87
N LYS A 483 9.50 33.43 -25.80
CA LYS A 483 9.28 33.14 -27.23
C LYS A 483 9.11 31.65 -27.50
N ASP A 484 9.81 30.83 -26.72
CA ASP A 484 9.89 29.38 -26.94
C ASP A 484 8.69 28.63 -26.34
N LYS A 485 8.01 27.81 -27.17
CA LYS A 485 6.97 26.89 -26.71
C LYS A 485 7.60 25.84 -25.83
N VAL A 486 6.91 25.50 -24.73
CA VAL A 486 7.39 24.50 -23.80
C VAL A 486 7.24 23.10 -24.40
N ARG A 487 8.26 22.26 -24.27
CA ARG A 487 8.19 20.85 -24.72
C ARG A 487 8.28 19.86 -23.56
N LEU A 488 8.07 18.58 -23.86
CA LEU A 488 8.19 17.53 -22.86
C LEU A 488 9.47 17.66 -22.09
N CYS A 489 10.58 17.79 -22.82
CA CYS A 489 11.89 17.74 -22.19
C CYS A 489 12.12 18.93 -21.26
N ASP A 490 11.45 20.05 -21.54
CA ASP A 490 11.48 21.20 -20.65
C ASP A 490 10.65 20.98 -19.41
N LEU A 491 9.54 20.25 -19.56
CA LEU A 491 8.66 19.98 -18.42
C LEU A 491 9.21 18.88 -17.51
N LEU A 492 9.95 17.91 -18.04
CA LEU A 492 10.52 16.86 -17.19
C LEU A 492 12.04 16.92 -17.01
N LEU A 493 12.77 17.56 -17.92
CA LEU A 493 14.23 17.57 -17.88
C LEU A 493 14.82 18.99 -18.04
N GLY A 494 14.30 19.93 -17.25
CA GLY A 494 14.76 21.30 -17.26
C GLY A 494 15.74 21.51 -16.13
N ASP A 495 16.18 22.75 -15.94
CA ASP A 495 17.24 23.02 -14.96
C ASP A 495 16.79 22.97 -13.49
N ASP A 496 15.48 22.88 -13.28
CA ASP A 496 14.90 22.80 -11.96
C ASP A 496 14.70 21.36 -11.51
N TRP A 497 15.71 20.80 -10.89
CA TRP A 497 15.69 19.41 -10.48
C TRP A 497 14.89 19.19 -9.22
N GLU A 498 14.26 20.22 -8.65
CA GLU A 498 13.57 20.06 -7.35
C GLU A 498 12.06 19.95 -7.50
N ILE A 499 11.57 20.03 -8.73
CA ILE A 499 10.21 19.67 -9.02
C ILE A 499 10.05 18.20 -8.66
N LEU A 500 8.98 17.90 -7.92
CA LEU A 500 8.64 16.52 -7.59
C LEU A 500 7.87 15.96 -8.76
N TYR A 501 8.29 14.80 -9.23
CA TYR A 501 7.66 14.17 -10.38
C TYR A 501 6.98 12.90 -9.95
N PHE A 502 5.76 12.70 -10.41
CA PHE A 502 5.07 11.48 -10.05
C PHE A 502 4.77 10.51 -11.19
N GLU A 503 5.89 10.01 -11.67
CA GLU A 503 6.52 8.88 -11.06
C GLU A 503 7.96 9.37 -11.22
N PRO A 504 8.75 9.39 -10.13
CA PRO A 504 10.03 10.06 -10.27
C PRO A 504 10.99 9.34 -11.20
N MET A 505 11.97 10.07 -11.70
CA MET A 505 12.91 9.54 -12.70
C MET A 505 13.59 8.24 -12.33
N TRP A 506 13.92 8.03 -11.06
CA TRP A 506 14.58 6.79 -10.68
C TRP A 506 13.72 5.57 -10.90
N LYS A 507 12.45 5.77 -11.24
CA LYS A 507 11.51 4.66 -11.38
C LYS A 507 11.72 3.87 -12.68
N VAL A 508 12.56 4.41 -13.58
CA VAL A 508 12.98 3.68 -14.75
C VAL A 508 13.76 2.44 -14.32
N ILE A 509 14.49 2.52 -13.20
CA ILE A 509 15.39 1.43 -12.81
C ILE A 509 14.65 0.12 -12.49
N PRO A 510 13.78 0.15 -11.48
CA PRO A 510 13.12 -1.09 -11.12
C PRO A 510 12.21 -1.60 -12.23
N SER A 511 11.72 -0.68 -13.07
CA SER A 511 10.98 -1.03 -14.31
C SER A 511 11.79 -1.72 -15.40
N ASN A 512 13.11 -1.80 -15.23
CA ASN A 512 13.99 -2.27 -16.28
C ASN A 512 14.28 -3.72 -16.09
N LYS A 513 14.16 -4.51 -17.16
CA LYS A 513 14.40 -5.96 -17.08
C LYS A 513 15.79 -6.33 -16.51
N ALA A 514 16.78 -5.45 -16.72
CA ALA A 514 18.12 -5.61 -16.13
C ALA A 514 18.14 -5.70 -14.61
N ILE A 515 17.08 -5.30 -13.92
CA ILE A 515 17.03 -5.47 -12.45
C ILE A 515 16.65 -6.92 -12.05
N LEU A 516 16.16 -7.70 -13.01
CA LEU A 516 15.61 -9.00 -12.68
C LEU A 516 16.65 -10.02 -12.21
N PRO A 517 17.81 -10.10 -12.85
CA PRO A 517 18.85 -10.98 -12.28
C PRO A 517 19.40 -10.50 -10.93
N MET A 518 19.26 -9.21 -10.66
CA MET A 518 19.76 -8.63 -9.43
C MET A 518 18.84 -8.98 -8.28
N ILE A 519 17.53 -8.95 -8.49
CA ILE A 519 16.61 -9.30 -7.41
C ILE A 519 16.66 -10.82 -7.14
N TYR A 520 16.85 -11.61 -8.18
CA TYR A 520 17.11 -13.04 -8.02
C TYR A 520 18.37 -13.36 -7.19
N HIS A 521 19.47 -12.67 -7.48
CA HIS A 521 20.72 -12.90 -6.76
C HIS A 521 20.61 -12.45 -5.30
N ASN A 522 19.95 -11.31 -5.05
CA ASN A 522 19.82 -10.79 -3.69
C ASN A 522 18.88 -11.62 -2.81
N HIS A 523 17.81 -12.15 -3.41
CA HIS A 523 16.77 -12.83 -2.65
C HIS A 523 16.18 -13.99 -3.42
N PRO A 524 16.98 -15.06 -3.63
CA PRO A 524 16.48 -16.27 -4.27
C PRO A 524 15.48 -17.10 -3.44
N GLU A 525 15.38 -16.86 -2.12
CA GLU A 525 14.39 -17.55 -1.26
C GLU A 525 13.00 -17.22 -1.67
N HIS A 526 12.81 -16.02 -2.22
CA HIS A 526 11.49 -15.46 -2.29
C HIS A 526 10.66 -16.26 -3.25
N PRO A 527 9.56 -16.84 -2.75
CA PRO A 527 8.71 -17.72 -3.54
C PRO A 527 8.21 -17.10 -4.83
N ALA A 528 8.22 -15.78 -4.93
CA ALA A 528 7.70 -15.09 -6.10
C ALA A 528 8.77 -14.71 -7.12
N ILE A 529 10.04 -14.81 -6.75
CA ILE A 529 11.11 -14.44 -7.69
C ILE A 529 11.47 -15.56 -8.67
N LEU A 530 11.70 -15.18 -9.92
CA LEU A 530 12.06 -16.10 -10.98
C LEU A 530 13.58 -15.99 -11.16
N LYS A 531 14.21 -17.12 -11.47
CA LYS A 531 15.64 -17.14 -11.71
C LYS A 531 15.84 -16.26 -12.92
N ALA A 532 16.83 -15.38 -12.85
CA ALA A 532 17.20 -14.52 -13.95
C ALA A 532 18.70 -14.35 -13.92
N GLU A 533 19.33 -14.38 -15.08
CA GLU A 533 20.77 -14.23 -15.15
C GLU A 533 21.11 -13.27 -16.28
N TYR A 534 22.35 -12.79 -16.28
CA TYR A 534 22.89 -12.05 -17.42
C TYR A 534 23.45 -12.97 -18.48
N GLU A 535 23.63 -14.25 -18.16
CA GLU A 535 24.20 -15.21 -19.09
C GLU A 535 23.42 -16.51 -19.06
N LEU A 536 23.40 -17.25 -20.16
CA LEU A 536 22.68 -18.50 -20.17
C LEU A 536 23.44 -19.50 -19.30
N THR A 537 22.68 -20.30 -18.55
CA THR A 537 23.24 -21.28 -17.63
C THR A 537 22.59 -22.64 -17.87
N ASP A 538 23.39 -23.71 -17.75
CA ASP A 538 22.89 -25.08 -17.85
C ASP A 538 21.54 -25.30 -17.13
N GLU A 539 21.33 -24.68 -15.97
CA GLU A 539 20.08 -24.90 -15.24
C GLU A 539 18.88 -24.24 -15.92
N LEU A 540 19.08 -23.01 -16.40
CA LEU A 540 18.07 -22.33 -17.24
C LEU A 540 17.78 -23.11 -18.53
N ARG A 541 18.79 -23.71 -19.14
CA ARG A 541 18.57 -24.56 -20.32
C ARG A 541 17.69 -25.79 -20.00
N LYS A 542 17.65 -26.21 -18.74
CA LYS A 542 16.83 -27.35 -18.32
C LYS A 542 15.43 -26.89 -17.94
N HIS A 543 15.33 -25.87 -17.09
CA HIS A 543 14.02 -25.36 -16.70
C HIS A 543 13.28 -24.66 -17.82
N GLY A 544 13.99 -24.19 -18.85
CA GLY A 544 13.41 -23.29 -19.89
C GLY A 544 13.56 -21.79 -19.58
N TYR A 545 13.99 -21.04 -20.58
CA TYR A 545 14.33 -19.62 -20.40
C TYR A 545 13.72 -18.71 -21.49
N ALA A 546 13.57 -17.43 -21.18
CA ALA A 546 13.25 -16.42 -22.19
C ALA A 546 14.39 -15.42 -22.22
N LYS A 547 14.78 -15.03 -23.42
CA LYS A 547 15.92 -14.23 -23.68
C LYS A 547 15.33 -12.86 -23.92
N LYS A 548 15.33 -12.03 -22.90
CA LYS A 548 14.68 -10.72 -22.94
C LYS A 548 15.75 -9.61 -22.90
N PRO A 549 15.99 -8.89 -24.02
CA PRO A 549 17.04 -7.85 -24.01
C PRO A 549 16.59 -6.51 -23.39
N ILE A 550 17.42 -5.48 -23.53
CA ILE A 550 17.09 -4.16 -22.98
C ILE A 550 17.26 -2.94 -23.92
N VAL A 551 16.74 -1.80 -23.46
CA VAL A 551 16.61 -0.53 -24.20
C VAL A 551 17.82 -0.13 -25.06
N ASN A 579 22.73 -5.73 -24.95
CA ASN A 579 22.92 -7.08 -24.41
C ASN A 579 21.69 -7.56 -23.57
N MET A 580 21.80 -8.77 -23.03
CA MET A 580 20.61 -9.59 -22.71
C MET A 580 20.43 -9.92 -21.25
N ILE A 581 19.20 -10.24 -20.86
CA ILE A 581 18.98 -11.02 -19.62
C ILE A 581 18.18 -12.29 -19.93
N TYR A 582 18.39 -13.34 -19.15
CA TYR A 582 17.73 -14.62 -19.36
C TYR A 582 16.89 -14.91 -18.14
N GLN A 583 15.59 -15.13 -18.29
CA GLN A 583 14.76 -15.45 -17.12
C GLN A 583 14.04 -16.75 -17.34
N GLN A 584 13.69 -17.42 -16.24
CA GLN A 584 13.10 -18.75 -16.36
C GLN A 584 11.65 -18.63 -16.72
N LEU A 585 11.11 -19.67 -17.33
CA LEU A 585 9.70 -19.71 -17.70
C LEU A 585 8.81 -20.21 -16.57
N PHE A 586 7.57 -19.75 -16.55
CA PHE A 586 6.57 -20.25 -15.61
C PHE A 586 5.32 -20.60 -16.41
N GLU A 587 4.68 -21.75 -16.14
CA GLU A 587 3.51 -22.14 -16.91
C GLU A 587 2.31 -21.26 -16.56
N LEU A 588 1.68 -20.68 -17.58
CA LEU A 588 0.37 -20.08 -17.42
C LEU A 588 -0.65 -21.20 -17.56
N LYS A 589 -1.48 -21.36 -16.54
CA LYS A 589 -2.48 -22.41 -16.47
C LYS A 589 -3.83 -21.82 -16.84
N LYS A 590 -4.64 -22.55 -17.58
CA LYS A 590 -5.89 -22.02 -18.13
C LYS A 590 -7.11 -22.35 -17.27
N GLN A 591 -8.10 -21.46 -17.25
CA GLN A 591 -9.42 -21.79 -16.74
C GLN A 591 -10.45 -21.39 -17.80
N ASP A 592 -11.42 -22.27 -18.05
CA ASP A 592 -12.38 -22.07 -19.17
C ASP A 592 -11.69 -21.66 -20.50
N ASP A 593 -10.44 -22.10 -20.67
CA ASP A 593 -9.58 -21.83 -21.85
C ASP A 593 -8.85 -20.53 -21.90
N TYR A 594 -8.98 -19.74 -20.83
CA TYR A 594 -8.39 -18.42 -20.76
C TYR A 594 -7.06 -18.43 -20.02
N TYR A 595 -6.05 -17.85 -20.63
CA TYR A 595 -4.87 -17.47 -19.88
C TYR A 595 -5.23 -16.23 -19.05
N ALA A 596 -4.59 -16.06 -17.89
CA ALA A 596 -4.84 -14.89 -17.02
C ALA A 596 -3.55 -14.40 -16.42
N ILE A 597 -3.22 -13.13 -16.60
CA ILE A 597 -2.15 -12.42 -15.86
C ILE A 597 -2.75 -11.49 -14.81
N ILE A 598 -2.14 -11.44 -13.64
CA ILE A 598 -2.68 -10.65 -12.54
C ILE A 598 -1.82 -9.42 -12.38
N GLY A 599 -2.47 -8.26 -12.20
CA GLY A 599 -1.79 -7.00 -11.94
C GLY A 599 -1.92 -6.68 -10.46
N GLY A 600 -0.85 -6.23 -9.82
CA GLY A 600 -0.86 -5.95 -8.37
C GLY A 600 -0.34 -4.55 -8.06
N TRP A 601 -1.22 -3.67 -7.60
CA TRP A 601 -0.85 -2.27 -7.42
C TRP A 601 -0.12 -1.96 -6.11
N MET A 602 0.90 -1.12 -6.23
CA MET A 602 1.44 -0.43 -5.08
C MET A 602 0.94 0.99 -5.23
N ILE A 603 0.20 1.45 -4.22
CA ILE A 603 -0.22 2.84 -4.13
C ILE A 603 0.50 3.43 -2.95
N GLY A 604 1.48 4.30 -3.24
CA GLY A 604 2.48 4.73 -2.24
C GLY A 604 3.17 3.43 -1.84
N ASP A 605 3.34 3.20 -0.53
CA ASP A 605 3.91 1.92 -0.07
C ASP A 605 2.88 0.84 0.26
N ALA A 606 1.62 1.05 -0.09
CA ALA A 606 0.58 0.10 0.23
C ALA A 606 0.40 -0.84 -0.94
N PHE A 607 0.39 -2.15 -0.72
CA PHE A 607 -0.13 -3.04 -1.75
C PHE A 607 -1.63 -2.94 -1.63
N SER A 608 -2.30 -2.43 -2.67
CA SER A 608 -3.69 -1.94 -2.54
C SER A 608 -4.70 -2.58 -3.50
N GLY A 609 -4.38 -3.74 -4.07
CA GLY A 609 -5.35 -4.48 -4.89
C GLY A 609 -4.82 -5.13 -6.16
N THR A 610 -5.67 -5.98 -6.75
CA THR A 610 -5.34 -6.75 -7.94
C THR A 610 -6.45 -6.73 -8.99
N GLY A 611 -6.07 -6.81 -10.27
CA GLY A 611 -7.03 -6.88 -11.37
C GLY A 611 -6.53 -7.96 -12.30
N ILE A 612 -7.28 -8.30 -13.34
CA ILE A 612 -6.81 -9.31 -14.30
C ILE A 612 -7.11 -8.88 -15.71
N ARG A 613 -6.26 -9.32 -16.63
CA ARG A 613 -6.58 -9.32 -18.03
C ARG A 613 -6.46 -10.76 -18.50
N GLU A 614 -7.35 -11.19 -19.37
CA GLU A 614 -7.36 -12.58 -19.80
C GLU A 614 -7.52 -12.70 -21.29
N ASP A 615 -7.09 -13.83 -21.83
CA ASP A 615 -7.19 -14.08 -23.24
C ASP A 615 -7.02 -15.55 -23.52
N LYS A 616 -7.75 -16.03 -24.52
CA LYS A 616 -7.72 -17.44 -24.88
C LYS A 616 -6.41 -17.75 -25.62
N SER A 617 -5.72 -16.70 -26.09
CA SER A 617 -4.56 -16.80 -26.98
C SER A 617 -3.32 -16.08 -26.46
N VAL A 618 -3.38 -14.77 -26.43
CA VAL A 618 -2.25 -13.95 -26.04
C VAL A 618 -2.80 -12.78 -25.27
N ILE A 619 -2.45 -12.65 -24.00
CA ILE A 619 -2.85 -11.47 -23.25
C ILE A 619 -1.92 -10.31 -23.64
N THR A 620 -2.16 -9.73 -24.80
CA THR A 620 -1.75 -8.32 -25.03
C THR A 620 -2.74 -7.62 -24.14
N GLY A 621 -2.33 -6.58 -23.45
CA GLY A 621 -3.25 -5.91 -22.56
C GLY A 621 -3.34 -4.45 -22.89
N VAL A 622 -2.77 -4.09 -24.04
CA VAL A 622 -3.28 -3.00 -24.78
C VAL A 622 -4.73 -3.52 -25.01
N ASP A 623 -4.92 -4.47 -25.94
CA ASP A 623 -6.25 -4.90 -26.43
C ASP A 623 -6.88 -6.20 -25.84
N SER A 624 -6.80 -6.40 -24.52
CA SER A 624 -7.39 -7.61 -23.87
C SER A 624 -8.48 -7.28 -22.88
N PRO A 625 -9.46 -8.19 -22.73
CA PRO A 625 -10.55 -7.96 -21.80
C PRO A 625 -10.02 -7.98 -20.40
N PHE A 626 -10.33 -6.93 -19.63
CA PHE A 626 -10.05 -6.89 -18.21
C PHE A 626 -11.07 -7.77 -17.47
N ALA A 627 -10.65 -8.38 -16.38
CA ALA A 627 -11.51 -9.30 -15.64
C ALA A 627 -11.63 -8.87 -14.17
N ALA A 628 -12.84 -8.88 -13.65
CA ALA A 628 -13.09 -8.53 -12.24
C ALA A 628 -12.54 -9.63 -11.34
N VAL A 629 -11.91 -9.22 -10.24
CA VAL A 629 -11.48 -10.13 -9.19
C VAL A 629 -12.29 -9.81 -7.94
N ARG A 630 -12.92 -10.81 -7.33
CA ARG A 630 -13.68 -10.63 -6.09
C ARG A 630 -13.13 -11.51 -4.95
N ILE A 631 -13.04 -10.98 -3.72
CA ILE A 631 -12.52 -11.77 -2.61
C ILE A 631 -13.63 -12.27 -1.73
N LYS A 632 -13.70 -13.58 -1.50
CA LYS A 632 -14.71 -14.13 -0.60
C LYS A 632 -14.14 -13.99 0.82
N THR A 633 -14.93 -13.46 1.76
CA THR A 633 -14.43 -13.28 3.13
C THR A 633 -14.73 -14.50 4.01
N ASP A 644 -20.81 -8.81 12.87
CA ASP A 644 -19.91 -8.63 11.73
C ASP A 644 -18.94 -9.83 11.61
N ILE A 645 -19.24 -10.73 10.67
CA ILE A 645 -18.52 -12.00 10.50
C ILE A 645 -17.72 -12.05 9.18
N ASP A 646 -17.79 -10.98 8.38
CA ASP A 646 -17.25 -10.98 7.00
C ASP A 646 -16.26 -9.84 6.70
N LYS A 647 -15.66 -9.25 7.73
CA LYS A 647 -14.75 -8.11 7.53
C LYS A 647 -13.28 -8.37 7.94
N MET A 648 -12.37 -7.63 7.29
CA MET A 648 -10.96 -8.01 7.21
C MET A 648 -10.01 -7.09 8.03
N ALA A 649 -8.71 -7.39 7.94
CA ALA A 649 -7.67 -6.66 8.68
C ALA A 649 -7.09 -5.51 7.86
N GLU A 650 -7.14 -5.64 6.53
CA GLU A 650 -6.74 -4.59 5.56
C GLU A 650 -7.38 -3.23 5.87
N ASP A 651 -8.57 -3.25 6.47
CA ASP A 651 -9.30 -2.03 6.84
C ASP A 651 -8.67 -1.24 7.99
N GLU A 652 -7.79 -1.86 8.79
CA GLU A 652 -7.16 -1.15 9.93
C GLU A 652 -6.21 -0.04 9.46
CL CL B . 1.39 26.66 -5.43
CL CL C . -14.35 20.93 28.50
CL CL D . -4.19 -7.87 13.85
CL CL E . 27.14 11.35 -11.00
BR BR F . 8.81 23.10 -0.57
BR BR G . 0.53 -2.05 -19.66
CL CL H . 6.13 -19.30 36.54
#